data_6FYT
#
_entry.id   6FYT
#
_cell.length_a   107.540
_cell.length_b   107.540
_cell.length_c   198.330
_cell.angle_alpha   90.00
_cell.angle_beta   90.00
_cell.angle_gamma   120.00
#
_symmetry.space_group_name_H-M   'P 63'
#
loop_
_entity.id
_entity.type
_entity.pdbx_description
1 polymer Hemagglutinin
2 polymer Hemagglutinin
3 polymer 'Single domain antibody SD38'
4 branched alpha-L-fucopyranose-(1-3)-[2-acetamido-2-deoxy-beta-D-glucopyranose-(1-4)][alpha-L-fucopyranose-(1-6)]2-acetamido-2-deoxy-beta-D-glucopyranose
5 branched 2-acetamido-2-deoxy-beta-D-glucopyranose-(1-4)-2-acetamido-2-deoxy-beta-D-glucopyranose
6 branched beta-D-mannopyranose-(1-4)-2-acetamido-2-deoxy-beta-D-glucopyranose-(1-4)-2-acetamido-2-deoxy-beta-D-glucopyranose
7 non-polymer 2-acetamido-2-deoxy-beta-D-glucopyranose
#
loop_
_entity_poly.entity_id
_entity_poly.type
_entity_poly.pdbx_seq_one_letter_code
_entity_poly.pdbx_strand_id
1 'polypeptide(L)'
;ADPGDTICIGYHANNSTDTVDTVLEKNVTVTHSVNLLEDSHNGKLCRLKGIAPLQLGNCSVAGWILGNPECELLISRESW
SYIVEKPNPENGTCYPGHFADYEELREQLSSVSSFERFEIFPKESSWPNHTTTGVSASCSHNGESSFYKNLLWLTGKNGL
YPNLSKSYANNKEKEVLVLWGVHHPPNIGDQRALYHKENAYVSVVSSHYSRKFTPEIAKRPKVRDQEGRINYYWTLLEPG
DTIIFEANGNLIAPRYAFALSRGFGSGIINSNAPMDECDAKCQTPQGAINSSLPFQNVHPVTIGECPKYVRSAKLRMVTG
LRNIPSIQSR
;
A
2 'polypeptide(L)'
;GLFGAIAGFIEGGWTGMVDGWYGYHHQNEQGSGYAADQKSTQNAINGITNKVNSVIEKMNTQFTAVGKEFNKLERRMENL
NKKVDDGFIDIWTYNAELLVLLENERTLDFHDSNVKNLYEKVKSQLKNNAKEIGNGCFEFYHKCNDECMESVKNGTYDYP
KYSEESKLNREKID
;
B
3 'polypeptide(L)'
;EVQLVESGGGLVQPGGSLRLSCAVSISIFDIYAMDWYRQAPGKQRDLVATSFRDGSTNYADSVKGRFTISRDNAKNTLYL
QMNSLKPEDTAVYLCHVSLYRDPLGVAGGMGVYWGKGALVTVSS
;
I
#
# COMPACT_ATOMS: atom_id res chain seq x y z
N GLY A 4 -33.88 -2.37 46.09
CA GLY A 4 -32.49 -2.63 46.36
C GLY A 4 -31.52 -1.94 45.41
N ASP A 5 -30.24 -1.95 45.77
CA ASP A 5 -29.19 -1.35 44.95
C ASP A 5 -28.49 -2.44 44.14
N THR A 6 -28.29 -2.18 42.85
CA THR A 6 -27.73 -3.16 41.93
C THR A 6 -26.61 -2.56 41.10
N ILE A 7 -25.61 -3.40 40.80
CA ILE A 7 -24.58 -3.11 39.80
C ILE A 7 -24.54 -4.29 38.84
N CYS A 8 -24.38 -4.00 37.55
CA CYS A 8 -24.42 -5.00 36.51
C CYS A 8 -23.16 -4.93 35.66
N ILE A 9 -22.74 -6.10 35.16
CA ILE A 9 -21.65 -6.21 34.20
C ILE A 9 -22.26 -6.40 32.82
N GLY A 10 -21.80 -5.62 31.85
CA GLY A 10 -22.32 -5.69 30.50
C GLY A 10 -21.25 -5.33 29.49
N TYR A 11 -21.66 -5.25 28.22
CA TYR A 11 -20.73 -5.02 27.13
C TYR A 11 -21.36 -4.11 26.07
N HIS A 12 -20.50 -3.63 25.17
CA HIS A 12 -20.82 -2.52 24.28
C HIS A 12 -21.74 -2.95 23.13
N ALA A 13 -22.46 -1.98 22.59
CA ALA A 13 -23.26 -2.18 21.38
C ALA A 13 -23.41 -0.85 20.66
N ASN A 14 -23.61 -0.92 19.35
CA ASN A 14 -23.72 0.29 18.53
C ASN A 14 -24.61 0.00 17.32
N ASN A 15 -24.62 0.92 16.36
CA ASN A 15 -25.41 0.81 15.14
C ASN A 15 -24.61 0.20 13.99
N SER A 16 -23.47 -0.40 14.28
CA SER A 16 -22.64 -0.98 13.23
C SER A 16 -23.39 -2.08 12.50
N THR A 17 -23.23 -2.11 11.18
CA THR A 17 -23.79 -3.16 10.35
C THR A 17 -22.70 -4.05 9.75
N ASP A 18 -21.46 -3.91 10.21
CA ASP A 18 -20.38 -4.73 9.69
C ASP A 18 -20.68 -6.20 9.94
N THR A 19 -20.26 -7.05 9.01
CA THR A 19 -20.40 -8.50 9.17
C THR A 19 -19.07 -9.16 8.85
N VAL A 20 -18.71 -10.14 9.67
CA VAL A 20 -17.53 -10.96 9.45
C VAL A 20 -17.98 -12.42 9.45
N ASP A 21 -17.11 -13.28 8.95
CA ASP A 21 -17.37 -14.72 8.98
C ASP A 21 -16.46 -15.35 10.03
N THR A 22 -17.00 -16.33 10.74
CA THR A 22 -16.26 -17.09 11.72
C THR A 22 -16.36 -18.58 11.37
N VAL A 23 -15.59 -19.38 12.09
CA VAL A 23 -15.59 -20.82 11.85
C VAL A 23 -16.98 -21.39 12.11
N LEU A 24 -17.58 -21.04 13.25
CA LEU A 24 -18.84 -21.68 13.63
C LEU A 24 -20.04 -21.02 12.99
N GLU A 25 -19.96 -19.72 12.67
CA GLU A 25 -21.10 -18.98 12.19
C GLU A 25 -20.67 -18.01 11.10
N LYS A 26 -21.52 -17.84 10.09
CA LYS A 26 -21.26 -16.91 9.00
C LYS A 26 -22.07 -15.63 9.19
N ASN A 27 -21.53 -14.54 8.69
CA ASN A 27 -22.26 -13.27 8.57
C ASN A 27 -22.67 -12.73 9.94
N VAL A 28 -21.68 -12.58 10.81
CA VAL A 28 -21.90 -12.15 12.19
C VAL A 28 -21.74 -10.63 12.26
N THR A 29 -22.74 -9.96 12.82
CA THR A 29 -22.68 -8.51 13.00
C THR A 29 -21.81 -8.18 14.20
N VAL A 30 -20.93 -7.18 14.05
CA VAL A 30 -19.95 -6.86 15.06
C VAL A 30 -19.85 -5.34 15.22
N THR A 31 -19.31 -4.94 16.38
CA THR A 31 -19.24 -3.52 16.72
C THR A 31 -18.12 -2.81 15.98
N HIS A 32 -16.96 -3.45 15.84
CA HIS A 32 -15.81 -2.86 15.18
C HIS A 32 -15.07 -3.93 14.38
N SER A 33 -14.50 -3.53 13.24
CA SER A 33 -13.77 -4.45 12.39
C SER A 33 -12.78 -3.68 11.53
N VAL A 34 -11.83 -4.40 10.95
CA VAL A 34 -10.86 -3.83 10.04
C VAL A 34 -10.85 -4.65 8.76
N ASN A 35 -10.57 -3.96 7.65
CA ASN A 35 -10.50 -4.60 6.33
C ASN A 35 -9.06 -4.96 6.02
N LEU A 36 -8.85 -6.19 5.52
CA LEU A 36 -7.54 -6.64 5.10
C LEU A 36 -7.40 -6.73 3.59
N LEU A 37 -8.43 -6.36 2.84
CA LEU A 37 -8.49 -6.62 1.39
C LEU A 37 -8.71 -5.32 0.64
N GLU A 38 -7.75 -4.97 -0.22
CA GLU A 38 -7.89 -3.80 -1.09
C GLU A 38 -8.59 -4.23 -2.37
N ASP A 39 -9.70 -3.54 -2.69
CA ASP A 39 -10.54 -3.94 -3.82
C ASP A 39 -10.83 -2.77 -4.75
N SER A 40 -10.06 -1.69 -4.66
CA SER A 40 -10.31 -0.50 -5.45
C SER A 40 -8.99 0.04 -6.00
N HIS A 41 -9.07 0.61 -7.20
CA HIS A 41 -7.94 1.27 -7.85
C HIS A 41 -8.38 2.64 -8.33
N ASN A 42 -7.41 3.46 -8.76
CA ASN A 42 -7.69 4.79 -9.25
C ASN A 42 -7.88 4.86 -10.76
N GLY A 43 -7.66 3.75 -11.48
CA GLY A 43 -7.90 3.74 -12.91
C GLY A 43 -6.91 4.52 -13.73
N LYS A 44 -5.71 4.79 -13.20
CA LYS A 44 -4.71 5.58 -13.89
C LYS A 44 -3.33 4.99 -13.66
N LEU A 45 -2.39 5.40 -14.51
CA LEU A 45 -1.00 4.95 -14.42
C LEU A 45 -0.17 5.96 -13.64
N CYS A 46 0.64 5.47 -12.71
CA CYS A 46 1.36 6.33 -11.78
C CYS A 46 2.86 6.06 -11.85
N ARG A 47 3.62 6.94 -11.20
CA ARG A 47 5.05 6.72 -11.07
C ARG A 47 5.33 5.65 -10.03
N LEU A 48 6.21 4.72 -10.38
CA LEU A 48 6.68 3.69 -9.48
C LEU A 48 8.16 3.91 -9.20
N LYS A 49 8.57 3.73 -7.95
CA LYS A 49 9.92 4.05 -7.47
C LYS A 49 10.23 5.55 -7.56
N GLY A 50 9.23 6.38 -7.86
CA GLY A 50 9.40 7.81 -7.97
C GLY A 50 9.54 8.33 -9.38
N ILE A 51 9.60 7.46 -10.39
CA ILE A 51 9.85 7.88 -11.76
C ILE A 51 8.77 7.33 -12.68
N ALA A 52 8.52 8.05 -13.77
CA ALA A 52 7.41 7.75 -14.66
C ALA A 52 7.69 6.51 -15.50
N PRO A 53 6.64 5.88 -16.04
CA PRO A 53 6.85 4.75 -16.96
C PRO A 53 6.84 5.18 -18.41
N LEU A 54 7.45 4.34 -19.24
CA LEU A 54 7.52 4.57 -20.67
C LEU A 54 6.25 4.08 -21.34
N GLN A 55 5.50 5.00 -21.94
CA GLN A 55 4.30 4.65 -22.70
C GLN A 55 4.65 4.49 -24.17
N LEU A 56 4.59 3.25 -24.67
CA LEU A 56 4.85 3.01 -26.08
C LEU A 56 3.71 3.49 -26.97
N GLY A 57 2.53 3.71 -26.42
CA GLY A 57 1.41 4.10 -27.25
C GLY A 57 1.14 3.06 -28.31
N ASN A 58 1.16 3.47 -29.57
CA ASN A 58 0.80 2.61 -30.68
C ASN A 58 1.86 1.58 -31.04
N CYS A 59 3.06 1.68 -30.46
CA CYS A 59 4.17 0.85 -30.86
C CYS A 59 4.38 -0.30 -29.89
N SER A 60 5.07 -1.32 -30.37
CA SER A 60 5.54 -2.43 -29.56
C SER A 60 6.99 -2.17 -29.17
N VAL A 61 7.51 -3.03 -28.30
CA VAL A 61 8.93 -2.93 -27.96
C VAL A 61 9.79 -3.10 -29.21
N ALA A 62 9.36 -3.96 -30.13
CA ALA A 62 10.12 -4.15 -31.37
C ALA A 62 10.17 -2.87 -32.18
N GLY A 63 9.02 -2.23 -32.37
CA GLY A 63 9.01 -0.97 -33.12
C GLY A 63 9.75 0.14 -32.42
N TRP A 64 9.66 0.19 -31.09
CA TRP A 64 10.32 1.24 -30.33
C TRP A 64 11.84 1.13 -30.41
N ILE A 65 12.37 -0.07 -30.16
CA ILE A 65 13.81 -0.23 -30.07
C ILE A 65 14.48 -0.23 -31.44
N LEU A 66 13.78 -0.66 -32.50
CA LEU A 66 14.34 -0.59 -33.85
C LEU A 66 14.22 0.78 -34.47
N GLY A 67 13.28 1.61 -34.01
CA GLY A 67 13.09 2.93 -34.56
C GLY A 67 12.07 2.99 -35.68
N ASN A 68 10.92 2.39 -35.46
CA ASN A 68 9.86 2.40 -36.46
C ASN A 68 9.51 3.83 -36.84
N PRO A 69 9.35 4.14 -38.13
CA PRO A 69 9.05 5.53 -38.51
C PRO A 69 7.83 6.11 -37.82
N GLU A 70 6.89 5.29 -37.38
CA GLU A 70 5.67 5.76 -36.72
C GLU A 70 5.83 5.90 -35.21
N CYS A 71 7.06 5.82 -34.70
CA CYS A 71 7.34 5.91 -33.27
C CYS A 71 8.36 7.01 -32.99
N GLU A 72 8.42 8.03 -33.85
CA GLU A 72 9.42 9.08 -33.68
C GLU A 72 9.22 9.88 -32.41
N LEU A 73 8.04 9.82 -31.79
CA LEU A 73 7.78 10.60 -30.57
C LEU A 73 8.34 9.95 -29.31
N LEU A 74 8.68 8.65 -29.36
CA LEU A 74 9.12 7.93 -28.17
C LEU A 74 10.63 7.98 -27.96
N ILE A 75 11.39 8.51 -28.92
CA ILE A 75 12.84 8.51 -28.82
C ILE A 75 13.34 9.35 -27.64
N SER A 76 12.52 10.29 -27.19
CA SER A 76 12.99 11.33 -26.27
C SER A 76 13.45 10.75 -24.94
N ARG A 77 12.61 9.95 -24.30
CA ARG A 77 12.80 9.65 -22.88
C ARG A 77 13.98 8.72 -22.63
N GLU A 78 14.56 8.86 -21.43
CA GLU A 78 15.77 8.14 -21.03
C GLU A 78 15.67 7.56 -19.62
N SER A 79 14.48 7.55 -19.03
CA SER A 79 14.32 7.01 -17.68
C SER A 79 12.91 6.48 -17.52
N TRP A 80 12.80 5.29 -16.95
CA TRP A 80 11.49 4.70 -16.67
C TRP A 80 11.65 3.56 -15.68
N SER A 81 10.54 3.22 -15.01
CA SER A 81 10.48 2.11 -14.07
C SER A 81 9.76 0.89 -14.63
N TYR A 82 8.67 1.09 -15.37
CA TYR A 82 8.01 0.01 -16.08
C TYR A 82 7.55 0.52 -17.44
N ILE A 83 7.08 -0.39 -18.28
CA ILE A 83 6.71 -0.10 -19.66
C ILE A 83 5.24 -0.41 -19.86
N VAL A 84 4.53 0.49 -20.54
CA VAL A 84 3.12 0.30 -20.87
C VAL A 84 3.02 0.04 -22.37
N GLU A 85 2.35 -1.04 -22.73
CA GLU A 85 2.23 -1.44 -24.12
C GLU A 85 0.78 -1.79 -24.41
N LYS A 86 0.28 -1.36 -25.56
CA LYS A 86 -1.09 -1.71 -25.94
C LYS A 86 -1.19 -3.23 -26.08
N PRO A 87 -2.36 -3.82 -25.76
CA PRO A 87 -2.49 -5.29 -25.83
C PRO A 87 -2.03 -5.86 -27.16
N ASN A 88 -2.55 -5.35 -28.28
CA ASN A 88 -2.16 -5.77 -29.61
C ASN A 88 -1.51 -4.59 -30.31
N PRO A 89 -0.19 -4.43 -30.22
CA PRO A 89 0.43 -3.21 -30.77
C PRO A 89 0.36 -3.20 -32.29
N GLU A 90 0.02 -2.02 -32.83
CA GLU A 90 -0.21 -1.89 -34.26
C GLU A 90 1.07 -1.66 -35.05
N ASN A 91 2.11 -1.11 -34.41
CA ASN A 91 3.33 -0.72 -35.11
C ASN A 91 4.55 -1.41 -34.48
N GLY A 92 5.03 -2.46 -35.12
CA GLY A 92 6.22 -3.15 -34.69
C GLY A 92 7.26 -3.22 -35.80
N THR A 93 7.51 -4.42 -36.31
CA THR A 93 8.46 -4.60 -37.42
C THR A 93 7.71 -4.33 -38.71
N CYS A 94 7.83 -3.10 -39.23
CA CYS A 94 7.12 -2.74 -40.46
C CYS A 94 7.59 -3.59 -41.64
N TYR A 95 8.88 -3.97 -41.66
CA TYR A 95 9.37 -4.90 -42.68
C TYR A 95 9.36 -6.30 -42.10
N PRO A 96 8.69 -7.26 -42.74
CA PRO A 96 8.50 -8.58 -42.11
C PRO A 96 9.80 -9.34 -41.92
N GLY A 97 9.85 -10.09 -40.83
CA GLY A 97 11.01 -10.89 -40.51
C GLY A 97 10.91 -11.43 -39.10
N HIS A 98 11.92 -12.21 -38.73
CA HIS A 98 11.97 -12.84 -37.42
C HIS A 98 12.87 -12.02 -36.49
N PHE A 99 12.29 -11.52 -35.41
CA PHE A 99 13.05 -10.88 -34.34
C PHE A 99 13.57 -11.96 -33.39
N ALA A 100 14.88 -12.14 -33.37
CA ALA A 100 15.48 -13.23 -32.61
C ALA A 100 15.51 -12.89 -31.12
N ASP A 101 15.13 -13.87 -30.30
CA ASP A 101 15.18 -13.73 -28.84
C ASP A 101 14.44 -12.48 -28.39
N TYR A 102 13.25 -12.28 -28.98
CA TYR A 102 12.50 -11.06 -28.75
C TYR A 102 11.99 -10.98 -27.33
N GLU A 103 11.48 -12.10 -26.80
CA GLU A 103 11.00 -12.12 -25.42
C GLU A 103 12.14 -11.86 -24.43
N GLU A 104 13.31 -12.45 -24.69
CA GLU A 104 14.47 -12.18 -23.84
C GLU A 104 14.80 -10.70 -23.82
N LEU A 105 14.76 -10.05 -24.99
CA LEU A 105 15.06 -8.62 -25.06
C LEU A 105 14.03 -7.79 -24.30
N ARG A 106 12.75 -8.14 -24.42
CA ARG A 106 11.72 -7.45 -23.65
C ARG A 106 11.95 -7.61 -22.15
N GLU A 107 12.52 -8.76 -21.73
CA GLU A 107 12.83 -8.94 -20.32
C GLU A 107 14.05 -8.11 -19.92
N GLN A 108 15.05 -7.98 -20.80
CA GLN A 108 16.22 -7.18 -20.49
C GLN A 108 15.87 -5.70 -20.38
N LEU A 109 15.00 -5.21 -21.26
CA LEU A 109 14.58 -3.82 -21.27
C LEU A 109 13.44 -3.53 -20.30
N SER A 110 13.05 -4.50 -19.47
CA SER A 110 11.90 -4.31 -18.58
C SER A 110 12.05 -3.07 -17.72
N SER A 111 13.27 -2.75 -17.32
CA SER A 111 13.54 -1.53 -16.58
C SER A 111 15.01 -1.16 -16.77
N VAL A 112 15.26 0.13 -16.99
CA VAL A 112 16.60 0.65 -17.21
C VAL A 112 16.72 1.98 -16.50
N SER A 113 17.69 2.09 -15.59
CA SER A 113 17.83 3.31 -14.79
C SER A 113 18.35 4.47 -15.64
N SER A 114 19.37 4.21 -16.44
CA SER A 114 19.94 5.22 -17.35
C SER A 114 20.07 4.62 -18.73
N PHE A 115 19.57 5.33 -19.74
CA PHE A 115 19.40 4.79 -21.09
C PHE A 115 19.60 5.92 -22.09
N GLU A 116 20.74 5.90 -22.79
CA GLU A 116 21.06 6.95 -23.75
C GLU A 116 21.30 6.36 -25.13
N ARG A 117 20.84 7.08 -26.15
CA ARG A 117 20.97 6.67 -27.55
C ARG A 117 22.08 7.47 -28.21
N PHE A 118 22.94 6.79 -28.95
CA PHE A 118 24.06 7.44 -29.61
C PHE A 118 24.30 6.77 -30.96
N GLU A 119 24.81 7.55 -31.91
CA GLU A 119 25.04 7.06 -33.26
C GLU A 119 26.30 6.22 -33.26
N ILE A 120 26.15 4.90 -33.29
CA ILE A 120 27.31 4.01 -33.23
C ILE A 120 28.10 4.04 -34.53
N PHE A 121 27.41 4.12 -35.66
CA PHE A 121 28.03 4.25 -36.97
C PHE A 121 27.39 5.42 -37.70
N PRO A 122 28.01 6.60 -37.69
CA PRO A 122 27.36 7.77 -38.29
C PRO A 122 27.04 7.56 -39.76
N LYS A 123 25.87 8.04 -40.18
CA LYS A 123 25.39 7.77 -41.52
C LYS A 123 26.30 8.38 -42.58
N GLU A 124 26.87 9.56 -42.31
CA GLU A 124 27.64 10.26 -43.33
C GLU A 124 29.08 9.76 -43.39
N SER A 125 29.69 9.49 -42.25
CA SER A 125 31.12 9.19 -42.21
C SER A 125 31.44 7.71 -42.37
N SER A 126 30.51 6.81 -42.08
CA SER A 126 30.86 5.41 -41.92
C SER A 126 30.80 4.60 -43.20
N TRP A 127 30.07 5.05 -44.21
CA TRP A 127 29.80 4.26 -45.41
C TRP A 127 30.16 5.07 -46.65
N PRO A 128 31.46 5.22 -46.93
CA PRO A 128 31.84 5.98 -48.13
C PRO A 128 31.54 5.24 -49.42
N ASN A 129 31.58 3.91 -49.41
CA ASN A 129 31.46 3.11 -50.62
C ASN A 129 30.16 2.31 -50.68
N HIS A 130 29.14 2.71 -49.91
CA HIS A 130 27.87 2.03 -49.92
C HIS A 130 26.73 3.06 -49.91
N THR A 131 25.61 2.68 -50.52
CA THR A 131 24.43 3.52 -50.50
C THR A 131 23.69 3.35 -49.19
N THR A 132 23.35 4.47 -48.55
CA THR A 132 22.72 4.47 -47.23
C THR A 132 21.29 5.01 -47.27
N THR A 133 20.67 5.06 -48.45
CA THR A 133 19.39 5.74 -48.61
C THR A 133 18.24 4.77 -48.84
N GLY A 134 18.47 3.47 -48.67
CA GLY A 134 17.44 2.48 -48.94
C GLY A 134 16.22 2.60 -48.06
N VAL A 135 15.03 2.54 -48.66
CA VAL A 135 13.77 2.66 -47.95
C VAL A 135 12.80 1.61 -48.49
N SER A 136 11.60 1.58 -47.91
CA SER A 136 10.58 0.62 -48.30
C SER A 136 9.20 1.20 -48.05
N ALA A 137 8.26 0.79 -48.90
CA ALA A 137 6.87 1.21 -48.74
C ALA A 137 6.21 0.52 -47.55
N SER A 138 6.77 -0.58 -47.05
CA SER A 138 6.24 -1.22 -45.85
C SER A 138 6.51 -0.42 -44.60
N CYS A 139 7.46 0.51 -44.66
CA CYS A 139 7.84 1.34 -43.51
C CYS A 139 7.56 2.80 -43.84
N SER A 140 6.28 3.09 -44.11
CA SER A 140 5.88 4.39 -44.60
C SER A 140 5.66 5.38 -43.46
N HIS A 141 6.05 6.63 -43.69
CA HIS A 141 5.85 7.72 -42.75
C HIS A 141 5.33 8.93 -43.51
N ASN A 142 4.11 9.36 -43.18
CA ASN A 142 3.48 10.51 -43.84
C ASN A 142 3.31 10.27 -45.34
N GLY A 143 2.89 9.06 -45.70
CA GLY A 143 2.71 8.70 -47.08
C GLY A 143 3.99 8.60 -47.91
N GLU A 144 5.14 8.51 -47.25
CA GLU A 144 6.43 8.41 -47.92
C GLU A 144 7.14 7.15 -47.48
N SER A 145 7.81 6.48 -48.42
CA SER A 145 8.60 5.31 -48.07
C SER A 145 9.77 5.72 -47.19
N SER A 146 9.90 5.06 -46.05
CA SER A 146 10.94 5.39 -45.09
C SER A 146 11.57 4.09 -44.61
N PHE A 147 12.15 4.12 -43.41
CA PHE A 147 12.83 2.97 -42.84
C PHE A 147 13.07 3.24 -41.36
N TYR A 148 13.54 2.21 -40.67
CA TYR A 148 13.85 2.32 -39.25
C TYR A 148 14.89 3.41 -39.00
N LYS A 149 14.74 4.11 -37.87
CA LYS A 149 15.65 5.22 -37.56
C LYS A 149 17.01 4.72 -37.09
N ASN A 150 17.06 3.56 -36.45
CA ASN A 150 18.29 3.08 -35.84
C ASN A 150 19.04 2.09 -36.72
N LEU A 151 18.52 1.78 -37.89
CA LEU A 151 19.18 0.89 -38.84
C LEU A 151 19.34 1.58 -40.20
N LEU A 152 20.34 1.12 -40.95
CA LEU A 152 20.58 1.58 -42.31
C LEU A 152 20.55 0.41 -43.27
N TRP A 153 19.84 0.58 -44.38
CA TRP A 153 19.79 -0.44 -45.43
C TRP A 153 20.94 -0.17 -46.39
N LEU A 154 22.03 -0.93 -46.26
CA LEU A 154 23.19 -0.76 -47.10
C LEU A 154 22.99 -1.49 -48.42
N THR A 155 23.12 -0.76 -49.53
CA THR A 155 23.09 -1.31 -50.87
C THR A 155 24.34 -0.84 -51.62
N GLY A 156 24.50 -1.34 -52.84
CA GLY A 156 25.71 -1.05 -53.60
C GLY A 156 25.74 0.37 -54.12
N LYS A 157 26.96 0.83 -54.42
CA LYS A 157 27.20 2.15 -55.00
C LYS A 157 28.23 2.02 -56.11
N ASN A 158 27.99 2.73 -57.21
CA ASN A 158 28.84 2.65 -58.42
C ASN A 158 28.95 1.22 -58.93
N GLY A 159 27.84 0.50 -58.92
CA GLY A 159 27.83 -0.86 -59.42
C GLY A 159 28.63 -1.85 -58.61
N LEU A 160 28.92 -1.53 -57.36
CA LEU A 160 29.73 -2.39 -56.50
C LEU A 160 29.20 -2.38 -55.09
N TYR A 161 29.34 -3.52 -54.41
CA TYR A 161 29.11 -3.65 -52.97
C TYR A 161 30.42 -4.17 -52.40
N PRO A 162 31.34 -3.29 -52.04
CA PRO A 162 32.66 -3.75 -51.58
C PRO A 162 32.56 -4.43 -50.22
N ASN A 163 33.58 -5.23 -49.93
CA ASN A 163 33.73 -5.79 -48.60
C ASN A 163 33.77 -4.68 -47.57
N LEU A 164 32.95 -4.80 -46.54
CA LEU A 164 32.92 -3.83 -45.44
C LEU A 164 33.38 -4.51 -44.16
N SER A 165 34.20 -3.79 -43.40
CA SER A 165 34.63 -4.19 -42.07
C SER A 165 34.50 -2.99 -41.16
N LYS A 166 33.76 -3.14 -40.06
CA LYS A 166 33.50 -2.05 -39.14
C LYS A 166 33.49 -2.56 -37.70
N SER A 167 34.26 -1.92 -36.84
CA SER A 167 34.37 -2.29 -35.44
C SER A 167 33.89 -1.14 -34.56
N TYR A 168 33.34 -1.50 -33.39
CA TYR A 168 33.01 -0.54 -32.35
C TYR A 168 33.53 -1.06 -31.02
N ALA A 169 34.33 -0.25 -30.33
CA ALA A 169 34.83 -0.58 -29.00
C ALA A 169 33.97 0.13 -27.96
N ASN A 170 33.43 -0.63 -27.01
CA ASN A 170 32.55 -0.07 -25.98
C ASN A 170 33.41 0.61 -24.93
N ASN A 171 33.56 1.94 -25.06
CA ASN A 171 34.27 2.76 -24.11
C ASN A 171 33.34 3.56 -23.20
N LYS A 172 32.05 3.17 -23.14
CA LYS A 172 31.04 3.91 -22.42
C LYS A 172 30.85 3.45 -20.98
N GLU A 173 31.61 2.46 -20.52
CA GLU A 173 31.55 1.94 -19.15
C GLU A 173 30.15 1.47 -18.76
N LYS A 174 29.32 1.18 -19.76
CA LYS A 174 27.99 0.63 -19.56
C LYS A 174 27.71 -0.35 -20.69
N GLU A 175 26.77 -1.26 -20.47
CA GLU A 175 26.36 -2.16 -21.53
C GLU A 175 25.77 -1.38 -22.69
N VAL A 176 26.22 -1.70 -23.90
CA VAL A 176 25.73 -1.07 -25.12
C VAL A 176 24.91 -2.10 -25.88
N LEU A 177 23.64 -1.79 -26.11
CA LEU A 177 22.75 -2.65 -26.88
C LEU A 177 22.88 -2.32 -28.36
N VAL A 178 23.30 -3.30 -29.15
CA VAL A 178 23.50 -3.13 -30.58
C VAL A 178 22.48 -4.01 -31.30
N LEU A 179 21.75 -3.40 -32.23
CA LEU A 179 20.77 -4.10 -33.06
C LEU A 179 21.17 -3.96 -34.52
N TRP A 180 20.92 -5.02 -35.29
CA TRP A 180 21.21 -5.02 -36.71
C TRP A 180 20.25 -5.99 -37.39
N GLY A 181 20.41 -6.16 -38.70
CA GLY A 181 19.53 -7.04 -39.44
C GLY A 181 20.22 -7.64 -40.64
N VAL A 182 19.60 -8.70 -41.18
CA VAL A 182 20.07 -9.38 -42.38
C VAL A 182 18.87 -9.50 -43.33
N HIS A 183 19.07 -9.09 -44.58
CA HIS A 183 17.99 -9.08 -45.57
C HIS A 183 18.03 -10.32 -46.44
N HIS A 184 16.87 -10.96 -46.61
CA HIS A 184 16.73 -12.15 -47.44
C HIS A 184 15.80 -11.83 -48.60
N PRO A 185 16.32 -11.63 -49.80
CA PRO A 185 15.45 -11.24 -50.93
C PRO A 185 14.58 -12.39 -51.40
N PRO A 186 13.50 -12.09 -52.13
CA PRO A 186 12.63 -13.17 -52.61
C PRO A 186 13.18 -13.90 -53.83
N ASN A 187 14.10 -13.30 -54.58
CA ASN A 187 14.62 -13.96 -55.76
C ASN A 187 16.05 -13.51 -56.03
N ILE A 188 16.78 -14.36 -56.75
CA ILE A 188 18.19 -14.10 -57.03
C ILE A 188 18.36 -12.81 -57.82
N GLY A 189 17.38 -12.47 -58.65
CA GLY A 189 17.44 -11.22 -59.39
C GLY A 189 17.55 -10.01 -58.47
N ASP A 190 16.69 -9.94 -57.46
CA ASP A 190 16.78 -8.84 -56.50
C ASP A 190 18.09 -8.88 -55.73
N GLN A 191 18.62 -10.08 -55.49
CA GLN A 191 19.90 -10.20 -54.80
C GLN A 191 21.03 -9.61 -55.61
N ARG A 192 21.07 -9.88 -56.92
CA ARG A 192 22.12 -9.31 -57.76
C ARG A 192 21.96 -7.81 -57.89
N ALA A 193 20.72 -7.33 -57.98
CA ALA A 193 20.49 -5.89 -58.16
C ALA A 193 20.92 -5.11 -56.92
N LEU A 194 20.67 -5.65 -55.73
CA LEU A 194 20.96 -4.90 -54.51
C LEU A 194 22.40 -5.04 -54.06
N TYR A 195 22.96 -6.26 -54.14
CA TYR A 195 24.27 -6.54 -53.55
C TYR A 195 25.30 -7.03 -54.56
N HIS A 196 24.95 -7.14 -55.84
CA HIS A 196 25.89 -7.42 -56.93
C HIS A 196 26.64 -8.74 -56.74
N LYS A 197 26.05 -9.67 -55.97
CA LYS A 197 26.62 -10.98 -55.71
C LYS A 197 25.48 -11.96 -55.51
N GLU A 198 25.72 -13.22 -55.84
CA GLU A 198 24.75 -14.27 -55.55
C GLU A 198 24.99 -14.93 -54.21
N ASN A 199 26.25 -15.05 -53.79
CA ASN A 199 26.61 -15.62 -52.50
C ASN A 199 27.19 -14.51 -51.64
N ALA A 200 26.48 -14.13 -50.59
CA ALA A 200 26.92 -13.13 -49.65
C ALA A 200 26.96 -13.72 -48.25
N TYR A 201 27.54 -12.97 -47.32
CA TYR A 201 27.66 -13.40 -45.94
C TYR A 201 27.70 -12.18 -45.04
N VAL A 202 27.14 -12.33 -43.84
CA VAL A 202 27.23 -11.33 -42.78
C VAL A 202 27.82 -12.02 -41.56
N SER A 203 28.82 -11.39 -40.96
CA SER A 203 29.49 -11.90 -39.76
C SER A 203 29.46 -10.83 -38.68
N VAL A 204 28.98 -11.20 -37.49
CA VAL A 204 28.95 -10.32 -36.33
C VAL A 204 29.60 -11.07 -35.19
N VAL A 205 30.69 -10.54 -34.67
CA VAL A 205 31.48 -11.22 -33.65
C VAL A 205 31.90 -10.22 -32.58
N SER A 206 31.91 -10.67 -31.33
CA SER A 206 32.50 -9.92 -30.23
C SER A 206 33.39 -10.90 -29.47
N SER A 207 33.80 -10.53 -28.26
CA SER A 207 34.64 -11.43 -27.45
C SER A 207 33.87 -12.67 -27.02
N HIS A 208 32.54 -12.58 -26.91
CA HIS A 208 31.73 -13.69 -26.43
C HIS A 208 30.58 -14.03 -27.38
N TYR A 209 30.42 -13.28 -28.47
CA TYR A 209 29.38 -13.49 -29.45
C TYR A 209 30.02 -13.82 -30.78
N SER A 210 29.41 -14.73 -31.54
CA SER A 210 29.94 -15.09 -32.85
C SER A 210 28.85 -15.78 -33.63
N ARG A 211 28.49 -15.22 -34.78
CA ARG A 211 27.45 -15.80 -35.62
C ARG A 211 27.65 -15.35 -37.05
N LYS A 212 27.52 -16.29 -37.98
CA LYS A 212 27.63 -16.05 -39.40
C LYS A 212 26.26 -16.25 -40.05
N PHE A 213 25.85 -15.27 -40.86
CA PHE A 213 24.53 -15.27 -41.50
C PHE A 213 24.69 -15.45 -43.00
N THR A 214 23.82 -16.27 -43.58
CA THR A 214 23.83 -16.50 -45.01
C THR A 214 22.43 -16.25 -45.56
N PRO A 215 22.29 -15.41 -46.58
CA PRO A 215 20.94 -15.14 -47.13
C PRO A 215 20.29 -16.40 -47.66
N GLU A 216 19.00 -16.54 -47.37
CA GLU A 216 18.16 -17.65 -47.83
C GLU A 216 17.15 -17.07 -48.80
N ILE A 217 17.35 -17.35 -50.07
CA ILE A 217 16.56 -16.77 -51.15
C ILE A 217 15.46 -17.76 -51.50
N ALA A 218 14.21 -17.37 -51.26
CA ALA A 218 13.07 -18.23 -51.57
C ALA A 218 11.82 -17.37 -51.72
N LYS A 219 10.84 -17.90 -52.43
CA LYS A 219 9.55 -17.24 -52.58
C LYS A 219 8.67 -17.60 -51.40
N ARG A 220 8.03 -16.60 -50.81
CA ARG A 220 7.34 -16.79 -49.55
C ARG A 220 6.13 -15.87 -49.49
N PRO A 221 5.15 -16.18 -48.64
CA PRO A 221 3.90 -15.39 -48.63
C PRO A 221 4.14 -13.93 -48.31
N LYS A 222 3.29 -13.09 -48.90
CA LYS A 222 3.41 -11.65 -48.73
C LYS A 222 2.93 -11.25 -47.34
N VAL A 223 3.82 -10.66 -46.55
CA VAL A 223 3.48 -10.04 -45.29
C VAL A 223 3.75 -8.55 -45.45
N ARG A 224 2.71 -7.73 -45.25
CA ARG A 224 2.83 -6.28 -45.39
C ARG A 224 3.36 -5.91 -46.77
N ASP A 225 2.87 -6.62 -47.80
CA ASP A 225 3.19 -6.37 -49.21
C ASP A 225 4.66 -6.61 -49.53
N GLN A 226 5.31 -7.52 -48.81
CA GLN A 226 6.72 -7.84 -49.06
C GLN A 226 6.94 -9.33 -49.04
N GLU A 227 7.51 -9.87 -50.13
CA GLU A 227 8.00 -11.23 -50.14
C GLU A 227 9.38 -11.35 -49.51
N GLY A 228 10.11 -10.25 -49.39
CA GLY A 228 11.39 -10.28 -48.71
C GLY A 228 11.24 -10.36 -47.20
N ARG A 229 12.36 -10.59 -46.53
CA ARG A 229 12.40 -10.68 -45.09
C ARG A 229 13.65 -10.01 -44.55
N ILE A 230 13.53 -9.40 -43.38
CA ILE A 230 14.68 -8.89 -42.64
C ILE A 230 14.63 -9.53 -41.27
N ASN A 231 15.60 -10.40 -40.98
CA ASN A 231 15.73 -10.97 -39.64
C ASN A 231 16.52 -10.02 -38.76
N TYR A 232 16.00 -9.76 -37.55
CA TYR A 232 16.58 -8.80 -36.63
C TYR A 232 17.33 -9.52 -35.52
N TYR A 233 18.51 -9.01 -35.18
CA TYR A 233 19.36 -9.60 -34.16
C TYR A 233 19.87 -8.50 -33.23
N TRP A 234 20.37 -8.92 -32.07
CA TRP A 234 20.85 -7.98 -31.07
C TRP A 234 21.82 -8.68 -30.14
N THR A 235 22.73 -7.91 -29.56
CA THR A 235 23.64 -8.41 -28.54
C THR A 235 23.96 -7.27 -27.58
N LEU A 236 24.32 -7.64 -26.35
CA LEU A 236 24.73 -6.67 -25.33
C LEU A 236 26.25 -6.66 -25.25
N LEU A 237 26.85 -5.52 -25.60
CA LEU A 237 28.30 -5.38 -25.66
C LEU A 237 28.81 -4.87 -24.32
N GLU A 238 29.58 -5.68 -23.61
CA GLU A 238 30.08 -5.30 -22.29
C GLU A 238 31.11 -4.18 -22.43
N PRO A 239 31.28 -3.36 -21.39
CA PRO A 239 32.28 -2.29 -21.47
C PRO A 239 33.69 -2.82 -21.65
N GLY A 240 34.43 -2.21 -22.58
CA GLY A 240 35.75 -2.66 -22.92
C GLY A 240 35.82 -3.71 -24.00
N ASP A 241 34.67 -4.14 -24.53
CA ASP A 241 34.60 -5.17 -25.55
C ASP A 241 34.34 -4.54 -26.91
N THR A 242 34.74 -5.25 -27.96
CA THR A 242 34.59 -4.79 -29.34
C THR A 242 33.62 -5.70 -30.08
N ILE A 243 32.78 -5.11 -30.91
CA ILE A 243 31.95 -5.86 -31.86
C ILE A 243 32.44 -5.53 -33.28
N ILE A 244 32.55 -6.57 -34.11
CA ILE A 244 33.12 -6.44 -35.44
C ILE A 244 32.10 -6.91 -36.48
N PHE A 245 31.70 -5.99 -37.36
CA PHE A 245 30.79 -6.29 -38.46
C PHE A 245 31.58 -6.49 -39.75
N GLU A 246 31.39 -7.65 -40.38
CA GLU A 246 31.99 -7.96 -41.67
C GLU A 246 30.91 -8.52 -42.57
N ALA A 247 30.75 -7.92 -43.74
CA ALA A 247 29.73 -8.38 -44.67
C ALA A 247 30.09 -7.93 -46.08
N ASN A 248 29.67 -8.73 -47.06
CA ASN A 248 29.73 -8.35 -48.46
C ASN A 248 28.34 -8.27 -49.08
N GLY A 249 27.32 -8.07 -48.26
CA GLY A 249 25.97 -7.93 -48.76
C GLY A 249 24.95 -8.30 -47.70
N ASN A 250 23.73 -7.85 -47.94
CA ASN A 250 22.53 -8.23 -47.18
C ASN A 250 22.53 -7.72 -45.74
N LEU A 251 23.50 -6.90 -45.34
CA LEU A 251 23.53 -6.41 -43.97
C LEU A 251 22.66 -5.18 -43.82
N ILE A 252 21.83 -5.18 -42.78
CA ILE A 252 21.11 -3.99 -42.34
C ILE A 252 21.92 -3.44 -41.18
N ALA A 253 22.71 -2.40 -41.44
CA ALA A 253 23.74 -2.00 -40.51
C ALA A 253 23.16 -1.17 -39.36
N PRO A 254 23.78 -1.22 -38.18
CA PRO A 254 23.36 -0.34 -37.09
C PRO A 254 23.72 1.11 -37.37
N ARG A 255 22.80 2.02 -37.03
CA ARG A 255 23.05 3.45 -37.03
C ARG A 255 23.11 4.02 -35.63
N TYR A 256 22.09 3.76 -34.80
CA TYR A 256 22.06 4.18 -33.42
C TYR A 256 22.08 2.97 -32.50
N ALA A 257 22.91 3.03 -31.46
CA ALA A 257 22.97 2.03 -30.41
C ALA A 257 22.49 2.64 -29.10
N PHE A 258 22.51 1.84 -28.03
CA PHE A 258 21.98 2.26 -26.73
C PHE A 258 22.91 1.82 -25.62
N ALA A 259 23.43 2.80 -24.88
CA ALA A 259 24.14 2.54 -23.64
C ALA A 259 23.15 2.60 -22.49
N LEU A 260 23.07 1.52 -21.70
CA LEU A 260 22.04 1.44 -20.68
C LEU A 260 22.61 0.92 -19.36
N SER A 261 21.87 1.19 -18.29
CA SER A 261 22.15 0.64 -16.97
C SER A 261 20.83 0.13 -16.40
N ARG A 262 20.84 -1.10 -15.89
CA ARG A 262 19.61 -1.83 -15.62
C ARG A 262 19.00 -1.44 -14.27
N GLY A 263 17.74 -1.86 -14.10
CA GLY A 263 17.01 -1.73 -12.86
C GLY A 263 16.16 -2.97 -12.64
N PHE A 264 16.81 -4.06 -12.23
CA PHE A 264 16.21 -5.39 -12.29
C PHE A 264 14.91 -5.47 -11.50
N GLY A 265 14.03 -6.38 -11.91
CA GLY A 265 12.86 -6.74 -11.14
C GLY A 265 11.55 -6.17 -11.62
N SER A 266 11.54 -5.38 -12.69
CA SER A 266 10.33 -4.75 -13.17
C SER A 266 9.79 -5.50 -14.39
N GLY A 267 8.99 -4.84 -15.21
CA GLY A 267 8.39 -5.52 -16.35
C GLY A 267 7.49 -4.63 -17.18
N ILE A 268 6.69 -5.30 -18.00
CA ILE A 268 5.82 -4.68 -18.98
C ILE A 268 4.37 -5.02 -18.61
N ILE A 269 3.48 -4.04 -18.73
CA ILE A 269 2.07 -4.25 -18.48
C ILE A 269 1.27 -3.85 -19.72
N ASN A 270 0.18 -4.56 -19.96
CA ASN A 270 -0.75 -4.27 -21.05
C ASN A 270 -1.95 -3.56 -20.46
N SER A 271 -2.14 -2.29 -20.80
CA SER A 271 -3.18 -1.48 -20.20
C SER A 271 -3.73 -0.49 -21.20
N ASN A 272 -4.98 -0.10 -20.98
CA ASN A 272 -5.62 0.99 -21.68
C ASN A 272 -5.92 2.17 -20.74
N ALA A 273 -5.37 2.16 -19.53
CA ALA A 273 -5.66 3.18 -18.54
C ALA A 273 -4.85 4.44 -18.85
N PRO A 274 -5.42 5.62 -18.61
CA PRO A 274 -4.68 6.86 -18.89
C PRO A 274 -3.61 7.16 -17.85
N MET A 275 -2.78 8.13 -18.19
CA MET A 275 -1.62 8.48 -17.39
C MET A 275 -1.94 9.61 -16.42
N ASP A 276 -1.23 9.63 -15.30
CA ASP A 276 -1.39 10.68 -14.30
C ASP A 276 -0.07 10.82 -13.53
N GLU A 277 -0.03 11.81 -12.65
CA GLU A 277 1.17 12.19 -11.91
C GLU A 277 1.27 11.53 -10.54
N CYS A 278 0.38 10.59 -10.24
CA CYS A 278 0.37 9.96 -8.93
C CYS A 278 1.63 9.13 -8.70
N ASP A 279 1.82 8.75 -7.44
CA ASP A 279 2.91 7.88 -7.03
C ASP A 279 2.34 6.69 -6.27
N ALA A 280 3.04 5.57 -6.34
CA ALA A 280 2.55 4.35 -5.68
C ALA A 280 3.69 3.36 -5.54
N LYS A 281 3.54 2.48 -4.56
CA LYS A 281 4.39 1.30 -4.48
C LYS A 281 3.82 0.14 -5.30
N CYS A 282 2.61 0.28 -5.82
CA CYS A 282 1.94 -0.77 -6.58
C CYS A 282 1.13 -0.17 -7.71
N GLN A 283 1.22 -0.80 -8.88
CA GLN A 283 0.46 -0.39 -10.05
C GLN A 283 0.00 -1.64 -10.80
N THR A 284 -1.25 -1.62 -11.25
CA THR A 284 -1.85 -2.71 -11.98
C THR A 284 -2.35 -2.19 -13.33
N PRO A 285 -2.63 -3.08 -14.29
CA PRO A 285 -3.22 -2.62 -15.56
C PRO A 285 -4.57 -1.94 -15.38
N GLN A 286 -5.31 -2.27 -14.32
CA GLN A 286 -6.55 -1.56 -14.05
C GLN A 286 -6.29 -0.15 -13.53
N GLY A 287 -5.23 0.00 -12.75
CA GLY A 287 -4.97 1.23 -12.05
C GLY A 287 -3.98 0.97 -10.92
N ALA A 288 -3.70 2.03 -10.17
CA ALA A 288 -2.74 1.96 -9.08
C ALA A 288 -3.46 1.70 -7.76
N ILE A 289 -2.66 1.31 -6.76
CA ILE A 289 -3.17 0.92 -5.46
C ILE A 289 -2.27 1.52 -4.38
N ASN A 290 -2.87 1.87 -3.24
CA ASN A 290 -2.09 2.27 -2.09
C ASN A 290 -2.40 1.38 -0.89
N SER A 291 -2.36 1.98 0.31
CA SER A 291 -2.77 1.38 1.58
C SER A 291 -1.74 0.39 2.10
N SER A 292 -1.75 0.20 3.42
CA SER A 292 -0.94 -0.82 4.06
C SER A 292 -1.59 -2.19 4.06
N LEU A 293 -2.75 -2.34 3.40
CA LEU A 293 -3.50 -3.59 3.49
C LEU A 293 -2.68 -4.72 2.88
N PRO A 294 -2.61 -5.89 3.52
CA PRO A 294 -1.71 -6.95 3.03
C PRO A 294 -2.28 -7.79 1.91
N PHE A 295 -3.51 -7.55 1.47
CA PHE A 295 -4.13 -8.35 0.42
C PHE A 295 -4.87 -7.46 -0.56
N GLN A 296 -4.97 -7.93 -1.80
CA GLN A 296 -5.76 -7.25 -2.82
C GLN A 296 -6.37 -8.29 -3.74
N ASN A 297 -7.52 -7.94 -4.32
CA ASN A 297 -8.14 -8.76 -5.35
C ASN A 297 -8.31 -8.00 -6.66
N VAL A 298 -7.55 -6.92 -6.83
CA VAL A 298 -7.69 -6.09 -8.02
C VAL A 298 -7.17 -6.83 -9.25
N HIS A 299 -5.89 -7.19 -9.25
CA HIS A 299 -5.36 -7.84 -10.44
C HIS A 299 -4.15 -8.67 -10.08
N PRO A 300 -4.01 -9.89 -10.63
CA PRO A 300 -2.81 -10.69 -10.29
C PRO A 300 -1.52 -10.04 -10.77
N VAL A 301 -1.51 -9.51 -12.00
CA VAL A 301 -0.32 -8.89 -12.56
C VAL A 301 -0.08 -7.57 -11.85
N THR A 302 0.92 -7.53 -10.99
CA THR A 302 1.30 -6.33 -10.26
C THR A 302 2.72 -5.95 -10.63
N ILE A 303 3.11 -4.74 -10.23
CA ILE A 303 4.46 -4.27 -10.48
C ILE A 303 5.03 -3.74 -9.17
N GLY A 304 6.12 -4.36 -8.72
CA GLY A 304 6.75 -3.92 -7.50
C GLY A 304 6.27 -4.61 -6.23
N GLU A 305 6.29 -3.86 -5.13
CA GLU A 305 5.94 -4.38 -3.81
C GLU A 305 4.43 -4.17 -3.62
N CYS A 306 3.67 -5.25 -3.75
CA CYS A 306 2.22 -5.17 -3.77
C CYS A 306 1.62 -6.11 -2.74
N PRO A 307 0.41 -5.81 -2.28
CA PRO A 307 -0.33 -6.78 -1.47
C PRO A 307 -0.54 -8.07 -2.26
N LYS A 308 -0.40 -9.20 -1.56
CA LYS A 308 -0.57 -10.50 -2.21
C LYS A 308 -1.95 -10.61 -2.84
N TYR A 309 -1.98 -10.95 -4.12
CA TYR A 309 -3.26 -11.14 -4.79
C TYR A 309 -3.93 -12.40 -4.26
N VAL A 310 -5.23 -12.29 -3.97
CA VAL A 310 -6.04 -13.42 -3.56
C VAL A 310 -7.36 -13.34 -4.31
N ARG A 311 -7.97 -14.50 -4.53
CA ARG A 311 -9.28 -14.55 -5.17
C ARG A 311 -10.42 -14.19 -4.23
N SER A 312 -10.13 -13.85 -2.98
CA SER A 312 -11.20 -13.58 -2.01
C SER A 312 -11.98 -12.32 -2.37
N ALA A 313 -13.29 -12.37 -2.14
CA ALA A 313 -14.14 -11.19 -2.28
C ALA A 313 -14.25 -10.37 -1.01
N LYS A 314 -13.84 -10.94 0.13
CA LYS A 314 -14.01 -10.26 1.41
C LYS A 314 -13.02 -10.84 2.41
N LEU A 315 -12.24 -9.97 3.06
CA LEU A 315 -11.28 -10.36 4.10
C LEU A 315 -11.35 -9.31 5.21
N ARG A 316 -12.36 -9.45 6.07
CA ARG A 316 -12.61 -8.52 7.16
C ARG A 316 -12.55 -9.29 8.46
N MET A 317 -11.63 -8.92 9.34
CA MET A 317 -11.52 -9.56 10.64
C MET A 317 -12.11 -8.67 11.74
N VAL A 318 -12.78 -9.30 12.70
CA VAL A 318 -13.44 -8.57 13.76
C VAL A 318 -12.41 -8.12 14.80
N THR A 319 -12.60 -6.91 15.32
CA THR A 319 -11.87 -6.43 16.49
C THR A 319 -12.79 -6.19 17.69
N GLY A 320 -14.04 -5.81 17.45
CA GLY A 320 -15.00 -5.59 18.51
C GLY A 320 -15.72 -6.86 18.93
N LEU A 321 -16.89 -6.68 19.52
CA LEU A 321 -17.70 -7.76 20.05
C LEU A 321 -18.85 -8.08 19.10
N ARG A 322 -19.52 -9.20 19.37
CA ARG A 322 -20.79 -9.47 18.71
C ARG A 322 -21.78 -8.38 19.06
N ASN A 323 -22.34 -7.75 18.03
CA ASN A 323 -23.21 -6.59 18.24
C ASN A 323 -24.62 -7.05 18.57
N ILE A 324 -25.01 -6.91 19.83
CA ILE A 324 -26.34 -7.29 20.30
C ILE A 324 -26.97 -6.05 20.96
N PRO A 325 -27.53 -5.11 20.19
CA PRO A 325 -28.08 -3.86 20.71
C PRO A 325 -29.47 -4.02 21.33
N GLY B 1 -21.49 -18.54 23.07
CA GLY B 1 -20.16 -18.11 23.46
C GLY B 1 -19.36 -19.20 24.14
N LEU B 2 -18.06 -19.24 23.88
CA LEU B 2 -17.22 -20.30 24.42
C LEU B 2 -17.11 -20.22 25.94
N PHE B 3 -17.23 -19.02 26.51
CA PHE B 3 -17.14 -18.84 27.95
C PHE B 3 -18.49 -18.54 28.60
N GLY B 4 -19.56 -18.48 27.83
CA GLY B 4 -20.90 -18.47 28.39
C GLY B 4 -21.45 -17.13 28.82
N ALA B 5 -20.69 -16.04 28.68
CA ALA B 5 -21.14 -14.74 29.15
C ALA B 5 -21.87 -13.97 28.04
N ILE B 6 -21.12 -13.54 27.01
CA ILE B 6 -21.73 -12.81 25.91
C ILE B 6 -22.67 -13.73 25.14
N ALA B 7 -23.89 -13.26 24.90
CA ALA B 7 -24.98 -14.08 24.35
C ALA B 7 -25.22 -15.33 25.19
N GLY B 8 -24.86 -15.27 26.47
CA GLY B 8 -25.06 -16.36 27.39
C GLY B 8 -25.90 -15.92 28.57
N PHE B 9 -25.29 -15.86 29.76
CA PHE B 9 -26.06 -15.39 30.91
C PHE B 9 -26.13 -13.87 30.97
N ILE B 10 -25.29 -13.16 30.23
CA ILE B 10 -25.47 -11.72 29.98
C ILE B 10 -26.00 -11.64 28.57
N GLU B 11 -27.33 -11.51 28.44
CA GLU B 11 -27.97 -11.82 27.17
C GLU B 11 -27.76 -10.73 26.12
N GLY B 12 -27.51 -9.48 26.53
CA GLY B 12 -27.52 -8.38 25.60
C GLY B 12 -26.37 -7.42 25.83
N GLY B 13 -26.22 -6.50 24.87
CA GLY B 13 -25.29 -5.40 24.95
C GLY B 13 -26.02 -4.08 25.18
N TRP B 14 -25.23 -3.07 25.52
CA TRP B 14 -25.72 -1.76 25.92
C TRP B 14 -25.26 -0.72 24.92
N THR B 15 -26.19 -0.20 24.13
CA THR B 15 -25.89 0.97 23.32
C THR B 15 -25.61 2.21 24.18
N GLY B 16 -26.06 2.21 25.43
CA GLY B 16 -25.87 3.37 26.29
C GLY B 16 -24.46 3.53 26.79
N MET B 17 -23.66 2.47 26.78
CA MET B 17 -22.25 2.54 27.21
C MET B 17 -21.38 2.83 26.00
N VAL B 18 -21.11 4.11 25.76
CA VAL B 18 -20.31 4.51 24.61
C VAL B 18 -18.81 4.44 24.91
N ASP B 19 -18.42 4.54 26.18
CA ASP B 19 -17.03 4.82 26.51
C ASP B 19 -16.12 3.60 26.43
N GLY B 20 -16.68 2.39 26.36
CA GLY B 20 -15.84 1.21 26.46
C GLY B 20 -16.49 -0.03 25.88
N TRP B 21 -15.68 -1.09 25.80
CA TRP B 21 -16.17 -2.39 25.36
C TRP B 21 -16.88 -3.12 26.49
N TYR B 22 -16.28 -3.11 27.67
CA TYR B 22 -16.85 -3.71 28.87
C TYR B 22 -17.03 -2.64 29.93
N GLY B 23 -18.04 -2.80 30.77
CA GLY B 23 -18.31 -1.81 31.79
C GLY B 23 -19.44 -2.19 32.70
N TYR B 24 -19.93 -1.20 33.44
CA TYR B 24 -20.89 -1.40 34.50
C TYR B 24 -22.14 -0.55 34.29
N HIS B 25 -23.24 -1.02 34.87
CA HIS B 25 -24.46 -0.23 35.04
C HIS B 25 -24.88 -0.34 36.49
N HIS B 26 -25.11 0.81 37.13
CA HIS B 26 -25.45 0.85 38.55
C HIS B 26 -26.74 1.60 38.77
N GLN B 27 -27.48 1.18 39.80
CA GLN B 27 -28.75 1.81 40.18
C GLN B 27 -28.77 1.95 41.69
N ASN B 28 -28.79 3.19 42.18
CA ASN B 28 -28.93 3.49 43.60
C ASN B 28 -29.81 4.72 43.74
N GLU B 29 -29.99 5.18 44.98
CA GLU B 29 -30.85 6.31 45.23
C GLU B 29 -30.33 7.59 44.56
N GLN B 30 -29.01 7.72 44.43
CA GLN B 30 -28.46 8.96 43.89
C GLN B 30 -28.66 9.07 42.39
N GLY B 31 -28.49 7.96 41.66
CA GLY B 31 -28.66 8.04 40.23
C GLY B 31 -28.52 6.70 39.55
N SER B 32 -28.57 6.74 38.23
CA SER B 32 -28.41 5.59 37.36
C SER B 32 -27.54 5.99 36.18
N GLY B 33 -26.65 5.11 35.76
CA GLY B 33 -25.75 5.46 34.67
C GLY B 33 -24.95 4.28 34.18
N TYR B 34 -24.40 4.46 32.98
CA TYR B 34 -23.48 3.51 32.38
C TYR B 34 -22.05 4.00 32.62
N ALA B 35 -21.20 3.10 33.07
CA ALA B 35 -19.78 3.39 33.27
C ALA B 35 -18.95 2.34 32.57
N ALA B 36 -17.80 2.75 32.04
CA ALA B 36 -16.92 1.86 31.31
C ALA B 36 -15.75 1.45 32.21
N ASP B 37 -15.30 0.21 32.05
CA ASP B 37 -14.11 -0.27 32.76
C ASP B 37 -12.91 -0.04 31.85
N GLN B 38 -12.19 1.06 32.09
CA GLN B 38 -11.09 1.42 31.22
C GLN B 38 -9.93 0.42 31.29
N LYS B 39 -9.73 -0.23 32.44
CA LYS B 39 -8.57 -1.12 32.56
C LYS B 39 -8.71 -2.36 31.67
N SER B 40 -9.86 -3.03 31.76
CA SER B 40 -10.06 -4.23 30.95
C SER B 40 -10.28 -3.92 29.48
N THR B 41 -10.84 -2.75 29.18
CA THR B 41 -10.98 -2.33 27.78
C THR B 41 -9.63 -2.05 27.15
N GLN B 42 -8.76 -1.34 27.88
CA GLN B 42 -7.44 -1.03 27.35
C GLN B 42 -6.63 -2.30 27.10
N ASN B 43 -6.72 -3.28 28.01
CA ASN B 43 -6.03 -4.54 27.81
C ASN B 43 -6.51 -5.24 26.55
N ALA B 44 -7.81 -5.23 26.30
CA ALA B 44 -8.33 -5.87 25.10
C ALA B 44 -7.88 -5.13 23.85
N ILE B 45 -7.87 -3.80 23.90
CA ILE B 45 -7.40 -3.02 22.75
C ILE B 45 -5.94 -3.31 22.46
N ASN B 46 -5.11 -3.38 23.50
CA ASN B 46 -3.69 -3.65 23.29
C ASN B 46 -3.47 -5.02 22.66
N GLY B 47 -4.20 -6.04 23.15
CA GLY B 47 -4.01 -7.38 22.63
C GLY B 47 -4.49 -7.53 21.20
N ILE B 48 -5.61 -6.90 20.87
CA ILE B 48 -6.16 -7.04 19.53
C ILE B 48 -5.41 -6.14 18.54
N THR B 49 -4.92 -4.99 19.00
CA THR B 49 -4.06 -4.18 18.15
C THR B 49 -2.81 -4.94 17.74
N ASN B 50 -2.16 -5.59 18.71
CA ASN B 50 -1.00 -6.41 18.40
C ASN B 50 -1.38 -7.60 17.53
N LYS B 51 -2.62 -8.09 17.66
CA LYS B 51 -3.08 -9.18 16.80
C LYS B 51 -3.23 -8.71 15.36
N VAL B 52 -3.79 -7.52 15.16
CA VAL B 52 -3.91 -6.95 13.83
C VAL B 52 -2.53 -6.64 13.25
N ASN B 53 -1.66 -6.02 14.06
CA ASN B 53 -0.30 -5.75 13.61
C ASN B 53 0.42 -7.02 13.18
N SER B 54 0.20 -8.13 13.88
CA SER B 54 0.87 -9.38 13.53
C SER B 54 0.42 -9.87 12.16
N VAL B 55 -0.89 -9.96 11.95
CA VAL B 55 -1.40 -10.43 10.67
C VAL B 55 -0.89 -9.56 9.52
N ILE B 56 -0.97 -8.24 9.71
CA ILE B 56 -0.65 -7.32 8.61
C ILE B 56 0.84 -7.32 8.33
N GLU B 57 1.67 -7.20 9.37
CA GLU B 57 3.08 -6.88 9.20
C GLU B 57 3.99 -8.10 9.11
N LYS B 58 3.47 -9.32 9.28
CA LYS B 58 4.28 -10.48 8.92
C LYS B 58 4.40 -10.61 7.41
N MET B 59 3.48 -10.00 6.67
CA MET B 59 3.47 -10.05 5.21
C MET B 59 4.47 -9.03 4.67
N ASN B 60 5.66 -9.49 4.32
CA ASN B 60 6.69 -8.64 3.73
C ASN B 60 6.73 -8.88 2.22
N THR B 61 6.73 -7.79 1.46
CA THR B 61 6.62 -7.84 0.00
C THR B 61 7.86 -7.26 -0.64
N GLN B 62 8.55 -8.08 -1.45
CA GLN B 62 9.65 -7.59 -2.26
C GLN B 62 9.13 -6.99 -3.56
N PHE B 63 9.91 -6.08 -4.12
CA PHE B 63 9.62 -5.49 -5.43
C PHE B 63 9.76 -6.56 -6.50
N THR B 64 8.64 -6.95 -7.12
CA THR B 64 8.65 -8.02 -8.10
C THR B 64 7.63 -7.73 -9.21
N ALA B 65 7.63 -8.60 -10.22
CA ALA B 65 6.74 -8.48 -11.37
C ALA B 65 6.32 -9.87 -11.80
N VAL B 66 5.01 -10.10 -11.86
CA VAL B 66 4.49 -11.42 -12.17
C VAL B 66 4.59 -11.70 -13.67
N GLY B 67 4.18 -10.73 -14.50
CA GLY B 67 4.01 -10.95 -15.92
C GLY B 67 5.22 -11.43 -16.68
N LYS B 68 5.03 -12.40 -17.57
CA LYS B 68 6.08 -12.94 -18.44
C LYS B 68 5.48 -13.25 -19.81
N GLU B 69 6.34 -13.27 -20.82
CA GLU B 69 5.94 -13.50 -22.20
C GLU B 69 6.70 -14.69 -22.78
N PHE B 70 6.06 -15.38 -23.73
CA PHE B 70 6.62 -16.58 -24.32
C PHE B 70 6.17 -16.69 -25.76
N ASN B 71 7.01 -17.35 -26.58
CA ASN B 71 6.67 -17.53 -27.99
C ASN B 71 5.92 -18.85 -28.19
N LYS B 72 5.63 -19.20 -29.44
CA LYS B 72 4.79 -20.35 -29.74
C LYS B 72 5.51 -21.68 -29.61
N LEU B 73 6.84 -21.69 -29.53
CA LEU B 73 7.56 -22.92 -29.23
C LEU B 73 7.98 -23.00 -27.76
N GLU B 74 7.31 -22.23 -26.90
CA GLU B 74 7.60 -22.20 -25.47
C GLU B 74 6.34 -22.42 -24.66
N ARG B 75 5.45 -23.28 -25.16
CA ARG B 75 4.17 -23.50 -24.49
C ARG B 75 4.35 -24.19 -23.14
N ARG B 76 5.26 -25.16 -23.05
CA ARG B 76 5.50 -25.83 -21.78
C ARG B 76 5.99 -24.84 -20.72
N MET B 77 6.86 -23.90 -21.11
CA MET B 77 7.36 -22.94 -20.13
C MET B 77 6.28 -21.93 -19.75
N GLU B 78 5.41 -21.56 -20.70
CA GLU B 78 4.29 -20.70 -20.37
C GLU B 78 3.34 -21.37 -19.38
N ASN B 79 3.10 -22.68 -19.55
CA ASN B 79 2.23 -23.39 -18.61
C ASN B 79 2.91 -23.60 -17.27
N LEU B 80 4.22 -23.79 -17.26
CA LEU B 80 4.94 -23.88 -16.00
C LEU B 80 4.90 -22.55 -15.26
N ASN B 81 5.03 -21.44 -16.00
CA ASN B 81 4.92 -20.13 -15.37
C ASN B 81 3.52 -19.91 -14.84
N LYS B 82 2.51 -20.41 -15.55
CA LYS B 82 1.13 -20.30 -15.10
C LYS B 82 0.89 -21.16 -13.88
N LYS B 83 1.50 -22.35 -13.82
CA LYS B 83 1.33 -23.22 -12.66
C LYS B 83 1.93 -22.61 -11.40
N VAL B 84 3.04 -21.87 -11.55
CA VAL B 84 3.63 -21.19 -10.40
C VAL B 84 2.71 -20.09 -9.91
N ASP B 85 2.23 -19.23 -10.81
CA ASP B 85 1.39 -18.10 -10.40
C ASP B 85 0.08 -18.56 -9.79
N ASP B 86 -0.64 -19.46 -10.48
CA ASP B 86 -1.88 -20.01 -9.93
C ASP B 86 -1.64 -20.73 -8.61
N GLY B 87 -0.49 -21.37 -8.46
CA GLY B 87 -0.23 -22.15 -7.27
C GLY B 87 -0.06 -21.28 -6.04
N PHE B 88 0.73 -20.20 -6.16
CA PHE B 88 0.89 -19.28 -5.05
C PHE B 88 -0.42 -18.56 -4.74
N ILE B 89 -1.18 -18.20 -5.76
CA ILE B 89 -2.47 -17.56 -5.52
C ILE B 89 -3.42 -18.51 -4.82
N ASP B 90 -3.40 -19.79 -5.22
CA ASP B 90 -4.19 -20.80 -4.51
C ASP B 90 -3.86 -20.82 -3.02
N ILE B 91 -2.57 -20.88 -2.69
CA ILE B 91 -2.16 -21.03 -1.30
C ILE B 91 -2.50 -19.79 -0.49
N TRP B 92 -2.13 -18.61 -0.99
CA TRP B 92 -2.36 -17.39 -0.24
C TRP B 92 -3.85 -17.12 -0.05
N THR B 93 -4.67 -17.46 -1.05
CA THR B 93 -6.11 -17.35 -0.86
C THR B 93 -6.58 -18.25 0.27
N TYR B 94 -6.22 -19.52 0.22
CA TYR B 94 -6.63 -20.47 1.26
C TYR B 94 -6.10 -20.07 2.62
N ASN B 95 -4.85 -19.61 2.69
CA ASN B 95 -4.29 -19.21 3.98
C ASN B 95 -5.00 -17.98 4.53
N ALA B 96 -5.28 -16.99 3.67
CA ALA B 96 -5.90 -15.76 4.15
C ALA B 96 -7.33 -16.01 4.63
N GLU B 97 -8.11 -16.79 3.89
CA GLU B 97 -9.49 -17.06 4.29
C GLU B 97 -9.53 -17.88 5.57
N LEU B 98 -8.72 -18.93 5.65
CA LEU B 98 -8.69 -19.75 6.86
C LEU B 98 -8.19 -18.96 8.06
N LEU B 99 -7.18 -18.12 7.86
CA LEU B 99 -6.65 -17.33 8.97
C LEU B 99 -7.71 -16.39 9.52
N VAL B 100 -8.44 -15.71 8.64
CA VAL B 100 -9.44 -14.76 9.09
C VAL B 100 -10.60 -15.48 9.79
N LEU B 101 -11.04 -16.61 9.25
CA LEU B 101 -12.10 -17.38 9.89
C LEU B 101 -11.72 -17.80 11.30
N LEU B 102 -10.59 -18.48 11.44
CA LEU B 102 -10.20 -19.02 12.74
C LEU B 102 -9.98 -17.90 13.74
N GLU B 103 -9.24 -16.86 13.35
CA GLU B 103 -8.92 -15.80 14.29
C GLU B 103 -10.10 -14.89 14.60
N ASN B 104 -11.16 -14.93 13.79
CA ASN B 104 -12.38 -14.22 14.16
C ASN B 104 -13.12 -14.95 15.28
N GLU B 105 -13.13 -16.28 15.22
CA GLU B 105 -13.69 -17.04 16.33
C GLU B 105 -12.89 -16.80 17.60
N ARG B 106 -11.56 -16.78 17.50
CA ARG B 106 -10.74 -16.55 18.70
C ARG B 106 -10.93 -15.16 19.26
N THR B 107 -11.16 -14.17 18.39
CA THR B 107 -11.33 -12.82 18.87
C THR B 107 -12.63 -12.67 19.64
N LEU B 108 -13.71 -13.28 19.15
CA LEU B 108 -14.97 -13.24 19.89
C LEU B 108 -14.90 -14.08 21.16
N ASP B 109 -14.20 -15.22 21.13
CA ASP B 109 -13.94 -15.94 22.36
C ASP B 109 -13.19 -15.06 23.35
N PHE B 110 -12.25 -14.26 22.85
CA PHE B 110 -11.43 -13.41 23.71
C PHE B 110 -12.29 -12.42 24.48
N HIS B 111 -13.26 -11.79 23.82
CA HIS B 111 -14.14 -10.85 24.50
C HIS B 111 -15.02 -11.57 25.51
N ASP B 112 -15.59 -12.71 25.12
CA ASP B 112 -16.37 -13.52 26.05
C ASP B 112 -15.57 -13.81 27.32
N SER B 113 -14.28 -14.15 27.17
CA SER B 113 -13.43 -14.43 28.31
C SER B 113 -13.22 -13.19 29.17
N ASN B 114 -13.01 -12.04 28.53
CA ASN B 114 -12.76 -10.81 29.29
C ASN B 114 -13.99 -10.39 30.09
N VAL B 115 -15.18 -10.51 29.49
CA VAL B 115 -16.40 -10.18 30.22
C VAL B 115 -16.59 -11.12 31.40
N LYS B 116 -16.49 -12.43 31.14
CA LYS B 116 -16.61 -13.42 32.21
C LYS B 116 -15.64 -13.14 33.35
N ASN B 117 -14.39 -12.83 33.00
CA ASN B 117 -13.39 -12.57 34.04
C ASN B 117 -13.74 -11.35 34.86
N LEU B 118 -14.32 -10.33 34.23
CA LEU B 118 -14.73 -9.13 34.96
C LEU B 118 -15.90 -9.43 35.88
N TYR B 119 -16.84 -10.26 35.43
CA TYR B 119 -17.95 -10.66 36.29
C TYR B 119 -17.45 -11.44 37.49
N GLU B 120 -16.51 -12.35 37.30
CA GLU B 120 -15.99 -13.12 38.44
C GLU B 120 -15.18 -12.24 39.38
N LYS B 121 -14.53 -11.20 38.87
CA LYS B 121 -13.77 -10.30 39.73
C LYS B 121 -14.69 -9.59 40.70
N VAL B 122 -15.80 -9.04 40.19
CA VAL B 122 -16.76 -8.35 41.04
C VAL B 122 -17.42 -9.32 42.01
N LYS B 123 -17.84 -10.49 41.52
CA LYS B 123 -18.44 -11.49 42.40
C LYS B 123 -17.49 -11.89 43.52
N SER B 124 -16.19 -11.98 43.22
CA SER B 124 -15.21 -12.32 44.25
C SER B 124 -15.04 -11.18 45.25
N GLN B 125 -15.37 -9.95 44.87
CA GLN B 125 -15.26 -8.81 45.78
C GLN B 125 -16.49 -8.70 46.69
N LEU B 126 -17.68 -8.89 46.11
CA LEU B 126 -18.90 -8.65 46.85
C LEU B 126 -19.20 -9.79 47.82
N LYS B 127 -18.94 -11.03 47.41
CA LYS B 127 -19.12 -12.22 48.25
C LYS B 127 -20.58 -12.28 48.70
N ASN B 128 -20.87 -12.39 50.00
CA ASN B 128 -22.22 -12.52 50.52
C ASN B 128 -22.94 -11.19 50.70
N ASN B 129 -22.27 -10.06 50.47
CA ASN B 129 -22.88 -8.74 50.58
C ASN B 129 -23.88 -8.46 49.45
N ALA B 130 -23.97 -9.33 48.46
CA ALA B 130 -24.92 -9.16 47.37
C ALA B 130 -25.30 -10.54 46.85
N LYS B 131 -26.44 -10.58 46.15
CA LYS B 131 -26.91 -11.83 45.55
C LYS B 131 -26.96 -11.71 44.04
N GLU B 132 -26.65 -12.82 43.37
CA GLU B 132 -26.59 -12.84 41.91
C GLU B 132 -28.00 -12.94 41.34
N ILE B 133 -28.40 -11.94 40.54
CA ILE B 133 -29.68 -12.02 39.87
C ILE B 133 -29.67 -13.05 38.75
N GLY B 134 -28.52 -13.26 38.10
CA GLY B 134 -28.38 -14.24 37.04
C GLY B 134 -28.21 -13.65 35.65
N ASN B 135 -28.42 -12.34 35.49
CA ASN B 135 -28.31 -11.67 34.19
C ASN B 135 -27.08 -10.76 34.13
N GLY B 136 -26.04 -11.08 34.87
CA GLY B 136 -24.89 -10.22 35.01
C GLY B 136 -25.02 -9.14 36.05
N CYS B 137 -26.03 -9.20 36.91
CA CYS B 137 -26.26 -8.16 37.91
C CYS B 137 -26.12 -8.72 39.32
N PHE B 138 -25.76 -7.85 40.24
CA PHE B 138 -25.70 -8.15 41.67
C PHE B 138 -26.62 -7.22 42.42
N GLU B 139 -27.38 -7.76 43.37
CA GLU B 139 -28.28 -6.96 44.19
C GLU B 139 -27.66 -6.83 45.59
N PHE B 140 -27.30 -5.62 45.97
CA PHE B 140 -26.64 -5.40 47.25
C PHE B 140 -27.59 -5.60 48.42
N TYR B 141 -27.11 -6.31 49.44
CA TYR B 141 -27.81 -6.45 50.70
C TYR B 141 -27.61 -5.24 51.61
N HIS B 142 -26.89 -4.21 51.15
CA HIS B 142 -26.70 -2.98 51.91
C HIS B 142 -26.87 -1.79 50.97
N LYS B 143 -26.94 -0.59 51.55
CA LYS B 143 -26.97 0.61 50.72
C LYS B 143 -25.57 0.89 50.17
N CYS B 144 -25.51 1.39 48.93
CA CYS B 144 -24.24 1.58 48.25
C CYS B 144 -24.28 2.90 47.48
N ASN B 145 -23.65 3.93 48.04
CA ASN B 145 -23.64 5.25 47.43
C ASN B 145 -22.74 5.27 46.19
N ASP B 146 -22.62 6.46 45.58
CA ASP B 146 -21.79 6.59 44.39
C ASP B 146 -20.31 6.37 44.71
N GLU B 147 -19.90 6.65 45.95
CA GLU B 147 -18.53 6.35 46.36
C GLU B 147 -18.33 4.84 46.54
N CYS B 148 -19.38 4.13 46.98
CA CYS B 148 -19.28 2.68 47.12
C CYS B 148 -19.26 2.00 45.75
N MET B 149 -20.06 2.50 44.80
CA MET B 149 -20.03 1.96 43.45
C MET B 149 -18.65 2.15 42.83
N GLU B 150 -18.07 3.34 42.96
CA GLU B 150 -16.74 3.61 42.42
C GLU B 150 -15.67 2.73 43.04
N SER B 151 -15.89 2.24 44.27
CA SER B 151 -14.95 1.29 44.85
C SER B 151 -15.08 -0.09 44.24
N VAL B 152 -16.30 -0.48 43.87
CA VAL B 152 -16.48 -1.76 43.19
C VAL B 152 -15.80 -1.73 41.83
N LYS B 153 -15.97 -0.64 41.08
CA LYS B 153 -15.39 -0.54 39.74
C LYS B 153 -13.87 -0.47 39.81
N ASN B 154 -13.34 0.32 40.72
CA ASN B 154 -11.89 0.42 40.90
C ASN B 154 -11.29 -0.82 41.55
N GLY B 155 -12.10 -1.81 41.92
CA GLY B 155 -11.56 -2.96 42.61
C GLY B 155 -11.06 -2.70 44.01
N THR B 156 -11.27 -1.48 44.54
CA THR B 156 -10.89 -1.13 45.90
C THR B 156 -12.06 -1.23 46.87
N TYR B 157 -13.10 -1.98 46.50
CA TYR B 157 -14.27 -2.15 47.36
C TYR B 157 -13.89 -2.83 48.66
N ASP B 158 -14.45 -2.34 49.76
CA ASP B 158 -14.13 -2.84 51.10
C ASP B 158 -15.28 -3.68 51.61
N TYR B 159 -15.01 -4.97 51.83
CA TYR B 159 -15.99 -5.93 52.29
C TYR B 159 -16.37 -5.77 53.76
N PRO B 160 -15.42 -5.56 54.69
CA PRO B 160 -15.82 -5.48 56.11
C PRO B 160 -16.76 -4.34 56.44
N LYS B 161 -16.60 -3.17 55.82
CA LYS B 161 -17.38 -2.00 56.21
C LYS B 161 -18.88 -2.26 56.09
N TYR B 162 -19.29 -2.96 55.04
CA TYR B 162 -20.70 -3.21 54.77
C TYR B 162 -21.12 -4.62 55.13
N SER B 163 -20.24 -5.41 55.76
CA SER B 163 -20.54 -6.81 56.01
C SER B 163 -21.64 -6.97 57.05
N GLU B 164 -21.55 -6.23 58.15
CA GLU B 164 -22.53 -6.39 59.23
C GLU B 164 -23.92 -5.94 58.80
N GLU B 165 -24.00 -4.78 58.14
CA GLU B 165 -25.29 -4.34 57.61
C GLU B 165 -25.86 -5.33 56.60
N SER B 166 -24.99 -5.93 55.77
CA SER B 166 -25.47 -6.93 54.82
C SER B 166 -25.97 -8.18 55.53
N LYS B 167 -25.30 -8.58 56.61
CA LYS B 167 -25.73 -9.77 57.34
C LYS B 167 -27.13 -9.58 57.93
N LEU B 168 -27.42 -8.39 58.44
CA LEU B 168 -28.73 -8.15 59.04
C LEU B 168 -29.84 -8.19 57.99
N ASN B 169 -29.62 -7.58 56.83
CA ASN B 169 -30.62 -7.65 55.77
C ASN B 169 -30.77 -9.06 55.23
N ARG B 170 -29.66 -9.80 55.16
CA ARG B 170 -29.72 -11.19 54.73
C ARG B 170 -30.48 -12.05 55.73
N GLU B 171 -30.30 -11.76 57.02
CA GLU B 171 -31.03 -12.48 58.06
C GLU B 171 -32.52 -12.14 58.03
N LYS B 172 -32.85 -10.87 57.78
CA LYS B 172 -34.24 -10.47 57.68
C LYS B 172 -34.94 -11.20 56.52
N ILE B 173 -34.20 -11.46 55.45
CA ILE B 173 -34.75 -12.14 54.27
C ILE B 173 -34.37 -13.62 54.29
N GLU C 1 -21.33 9.00 28.61
CA GLU C 1 -20.94 10.33 28.16
C GLU C 1 -20.05 11.00 29.20
N VAL C 2 -19.02 11.70 28.72
CA VAL C 2 -18.03 12.35 29.56
C VAL C 2 -18.09 13.85 29.29
N GLN C 3 -18.09 14.64 30.36
CA GLN C 3 -18.17 16.09 30.28
C GLN C 3 -16.83 16.70 30.67
N LEU C 4 -16.37 17.67 29.87
CA LEU C 4 -15.13 18.38 30.11
C LEU C 4 -15.45 19.87 30.17
N VAL C 5 -15.15 20.51 31.29
CA VAL C 5 -15.46 21.92 31.51
C VAL C 5 -14.16 22.63 31.87
N GLU C 6 -13.76 23.59 31.02
CA GLU C 6 -12.61 24.42 31.31
C GLU C 6 -13.02 25.60 32.18
N SER C 7 -12.02 26.25 32.78
CA SER C 7 -12.24 27.41 33.60
C SER C 7 -10.91 28.14 33.78
N GLY C 8 -10.99 29.36 34.31
CA GLY C 8 -9.81 30.19 34.50
C GLY C 8 -9.47 31.11 33.36
N GLY C 9 -10.24 31.08 32.28
CA GLY C 9 -9.93 31.90 31.13
C GLY C 9 -10.24 33.37 31.39
N GLY C 10 -9.29 34.24 31.06
CA GLY C 10 -9.49 35.66 31.20
C GLY C 10 -8.36 36.40 30.51
N LEU C 11 -8.37 37.72 30.66
CA LEU C 11 -7.32 38.53 30.06
C LEU C 11 -6.15 38.67 31.03
N VAL C 12 -4.96 38.89 30.47
CA VAL C 12 -3.72 38.86 31.25
C VAL C 12 -2.69 39.73 30.53
N GLN C 13 -1.87 40.44 31.31
CA GLN C 13 -0.84 41.28 30.74
C GLN C 13 0.42 40.46 30.46
N PRO C 14 1.25 40.88 29.49
CA PRO C 14 2.42 40.08 29.12
C PRO C 14 3.38 39.88 30.29
N GLY C 15 4.06 38.74 30.29
CA GLY C 15 4.93 38.36 31.38
C GLY C 15 4.23 37.78 32.60
N GLY C 16 2.91 37.64 32.55
CA GLY C 16 2.15 37.13 33.66
C GLY C 16 2.06 35.61 33.67
N SER C 17 1.26 35.11 34.61
CA SER C 17 1.06 33.69 34.80
C SER C 17 -0.44 33.41 34.86
N LEU C 18 -0.81 32.21 34.44
CA LEU C 18 -2.21 31.82 34.51
C LEU C 18 -2.29 30.30 34.48
N ARG C 19 -3.20 29.74 35.26
CA ARG C 19 -3.45 28.30 35.26
C ARG C 19 -4.88 28.03 34.81
N LEU C 20 -5.01 27.17 33.81
CA LEU C 20 -6.29 26.68 33.34
C LEU C 20 -6.56 25.31 33.93
N SER C 21 -7.84 25.01 34.12
CA SER C 21 -8.24 23.74 34.71
C SER C 21 -9.39 23.16 33.91
N CYS C 22 -9.44 21.83 33.86
CA CYS C 22 -10.44 21.11 33.09
C CYS C 22 -11.04 20.05 33.99
N ALA C 23 -12.36 20.11 34.17
CA ALA C 23 -13.07 19.23 35.08
C ALA C 23 -13.69 18.08 34.28
N VAL C 24 -13.33 16.86 34.62
CA VAL C 24 -13.83 15.65 33.96
C VAL C 24 -14.85 14.98 34.89
N SER C 25 -15.98 14.57 34.33
CA SER C 25 -17.02 13.91 35.12
C SER C 25 -16.66 12.49 35.49
N ILE C 26 -15.69 11.88 34.81
CA ILE C 26 -15.31 10.50 35.05
C ILE C 26 -13.89 10.48 35.57
N SER C 27 -13.59 9.49 36.41
CA SER C 27 -12.26 9.31 36.97
C SER C 27 -11.19 9.35 35.88
N ILE C 28 -10.16 10.19 36.09
CA ILE C 28 -9.12 10.41 35.10
C ILE C 28 -7.90 9.54 35.33
N PHE C 29 -7.97 8.63 36.29
CA PHE C 29 -6.77 7.91 36.71
C PHE C 29 -6.20 7.06 35.57
N ASP C 30 -7.05 6.35 34.85
CA ASP C 30 -6.62 5.38 33.84
C ASP C 30 -6.67 5.94 32.41
N ILE C 31 -6.95 7.24 32.26
CA ILE C 31 -7.07 7.84 30.93
C ILE C 31 -5.71 7.87 30.27
N TYR C 32 -5.64 7.42 29.01
CA TYR C 32 -4.36 7.31 28.31
C TYR C 32 -3.73 8.68 28.12
N ALA C 33 -4.44 9.60 27.47
CA ALA C 33 -3.87 10.88 27.07
C ALA C 33 -4.87 12.01 27.28
N MET C 34 -4.38 13.11 27.85
CA MET C 34 -5.15 14.33 28.04
C MET C 34 -4.38 15.51 27.46
N ASP C 35 -5.04 16.28 26.60
CA ASP C 35 -4.38 17.26 25.74
C ASP C 35 -4.95 18.65 25.98
N TRP C 36 -4.12 19.66 25.71
CA TRP C 36 -4.55 21.04 25.61
C TRP C 36 -4.31 21.51 24.18
N TYR C 37 -5.38 21.89 23.49
CA TYR C 37 -5.33 22.47 22.17
C TYR C 37 -5.66 23.96 22.26
N ARG C 38 -4.99 24.78 21.47
CA ARG C 38 -5.29 26.19 21.38
C ARG C 38 -5.60 26.56 19.94
N GLN C 39 -6.52 27.52 19.76
CA GLN C 39 -6.97 27.94 18.44
C GLN C 39 -7.18 29.45 18.45
N ALA C 40 -6.44 30.15 17.63
CA ALA C 40 -6.60 31.59 17.46
C ALA C 40 -7.46 31.87 16.23
N PRO C 41 -8.19 32.98 16.22
CA PRO C 41 -9.02 33.30 15.04
C PRO C 41 -8.17 33.43 13.79
N GLY C 42 -8.60 32.77 12.72
CA GLY C 42 -7.83 32.69 11.50
C GLY C 42 -6.72 31.68 11.51
N LYS C 43 -6.68 30.79 12.51
CA LYS C 43 -5.66 29.78 12.64
C LYS C 43 -6.31 28.42 12.87
N GLN C 44 -5.50 27.38 12.71
CA GLN C 44 -5.94 26.01 12.90
C GLN C 44 -5.81 25.59 14.36
N ARG C 45 -6.37 24.43 14.70
CA ARG C 45 -6.18 23.86 16.04
C ARG C 45 -4.77 23.32 16.18
N ASP C 46 -4.09 23.71 17.27
CA ASP C 46 -2.70 23.36 17.51
C ASP C 46 -2.59 22.56 18.80
N LEU C 47 -1.87 21.44 18.75
CA LEU C 47 -1.56 20.68 19.95
C LEU C 47 -0.53 21.43 20.77
N VAL C 48 -0.90 21.82 21.99
CA VAL C 48 -0.03 22.58 22.87
C VAL C 48 0.73 21.67 23.81
N ALA C 49 0.00 20.81 24.54
CA ALA C 49 0.61 19.94 25.53
C ALA C 49 -0.21 18.67 25.68
N THR C 50 0.45 17.61 26.14
CA THR C 50 -0.18 16.30 26.29
C THR C 50 0.36 15.63 27.55
N SER C 51 -0.54 15.05 28.34
CA SER C 51 -0.18 14.26 29.50
C SER C 51 -0.61 12.82 29.27
N PHE C 52 0.27 11.87 29.61
CA PHE C 52 0.04 10.45 29.38
C PHE C 52 -0.15 9.71 30.69
N ARG C 53 -0.67 8.48 30.57
CA ARG C 53 -0.97 7.68 31.75
C ARG C 53 0.29 7.37 32.55
N ASP C 54 1.41 7.11 31.86
CA ASP C 54 2.65 6.80 32.55
C ASP C 54 3.28 8.00 33.25
N GLY C 55 2.73 9.20 33.07
CA GLY C 55 3.31 10.39 33.63
C GLY C 55 4.16 11.20 32.67
N SER C 56 4.34 10.74 31.44
CA SER C 56 5.10 11.48 30.45
C SER C 56 4.35 12.71 29.99
N THR C 57 5.10 13.67 29.44
CA THR C 57 4.55 14.92 28.94
C THR C 57 5.18 15.25 27.59
N ASN C 58 4.37 15.83 26.71
CA ASN C 58 4.83 16.29 25.40
C ASN C 58 4.37 17.72 25.21
N TYR C 59 5.30 18.59 24.80
CA TYR C 59 5.03 20.00 24.60
C TYR C 59 5.42 20.43 23.19
N ALA C 60 4.66 21.36 22.64
CA ALA C 60 5.06 22.01 21.40
C ALA C 60 6.26 22.91 21.65
N ASP C 61 7.03 23.16 20.58
CA ASP C 61 8.24 23.98 20.73
C ASP C 61 7.91 25.38 21.21
N SER C 62 6.77 25.94 20.76
CA SER C 62 6.46 27.33 21.06
C SER C 62 6.21 27.54 22.56
N VAL C 63 5.52 26.62 23.20
CA VAL C 63 5.16 26.76 24.61
C VAL C 63 6.16 26.06 25.54
N LYS C 64 7.22 25.47 24.99
CA LYS C 64 8.11 24.64 25.80
C LYS C 64 8.92 25.50 26.76
N GLY C 65 9.08 25.00 27.99
CA GLY C 65 9.76 25.73 29.03
C GLY C 65 8.93 26.76 29.76
N ARG C 66 7.78 27.14 29.21
CA ARG C 66 6.89 28.11 29.84
C ARG C 66 5.59 27.50 30.34
N PHE C 67 5.13 26.41 29.74
CA PHE C 67 3.88 25.76 30.09
C PHE C 67 4.15 24.45 30.80
N THR C 68 3.26 24.10 31.72
CA THR C 68 3.34 22.84 32.46
C THR C 68 1.96 22.22 32.52
N ILE C 69 1.84 20.99 32.02
CA ILE C 69 0.60 20.24 32.09
C ILE C 69 0.73 19.17 33.17
N SER C 70 -0.35 18.97 33.91
CA SER C 70 -0.38 18.02 35.02
C SER C 70 -1.84 17.71 35.29
N ARG C 71 -2.06 16.54 35.88
CA ARG C 71 -3.40 16.12 36.26
C ARG C 71 -3.47 15.89 37.76
N ASP C 72 -4.57 16.34 38.37
CA ASP C 72 -4.89 16.02 39.75
C ASP C 72 -5.87 14.85 39.74
N ASN C 73 -5.39 13.66 40.08
CA ASN C 73 -6.25 12.47 40.06
C ASN C 73 -7.41 12.60 41.05
N ALA C 74 -7.16 13.20 42.22
CA ALA C 74 -8.19 13.23 43.26
C ALA C 74 -9.34 14.16 42.88
N LYS C 75 -9.05 15.29 42.26
CA LYS C 75 -10.08 16.22 41.82
C LYS C 75 -10.55 15.97 40.38
N ASN C 76 -10.03 14.96 39.71
CA ASN C 76 -10.37 14.66 38.31
C ASN C 76 -10.19 15.90 37.44
N THR C 77 -9.09 16.60 37.66
CA THR C 77 -8.86 17.89 37.02
C THR C 77 -7.52 17.87 36.28
N LEU C 78 -7.52 18.44 35.08
CA LEU C 78 -6.31 18.63 34.30
C LEU C 78 -5.92 20.10 34.34
N TYR C 79 -4.65 20.36 34.63
CA TYR C 79 -4.13 21.72 34.79
C TYR C 79 -3.15 22.04 33.68
N LEU C 80 -3.18 23.31 33.24
CA LEU C 80 -2.19 23.85 32.31
C LEU C 80 -1.64 25.14 32.93
N GLN C 81 -0.44 25.08 33.48
CA GLN C 81 0.20 26.22 34.11
C GLN C 81 0.97 26.99 33.04
N MET C 82 0.51 28.19 32.72
CA MET C 82 1.08 29.02 31.66
C MET C 82 1.84 30.18 32.27
N ASN C 83 3.15 30.23 32.02
CA ASN C 83 4.02 31.26 32.55
C ASN C 83 4.69 32.03 31.42
N SER C 84 5.14 33.24 31.74
CA SER C 84 5.87 34.08 30.79
C SER C 84 5.05 34.31 29.53
N LEU C 85 3.79 34.69 29.72
CA LEU C 85 2.85 34.79 28.60
C LEU C 85 3.25 35.91 27.64
N LYS C 86 3.07 35.64 26.35
CA LYS C 86 3.35 36.56 25.27
C LYS C 86 2.06 36.91 24.53
N PRO C 87 2.00 38.08 23.88
CA PRO C 87 0.77 38.43 23.15
C PRO C 87 0.40 37.41 22.08
N GLU C 88 1.38 36.75 21.48
CA GLU C 88 1.09 35.73 20.48
C GLU C 88 0.40 34.50 21.05
N ASP C 89 0.49 34.29 22.38
CA ASP C 89 -0.18 33.16 23.03
C ASP C 89 -1.69 33.33 23.13
N THR C 90 -2.24 34.42 22.61
CA THR C 90 -3.68 34.63 22.66
C THR C 90 -4.39 33.58 21.82
N ALA C 91 -5.31 32.84 22.46
CA ALA C 91 -6.04 31.79 21.78
C ALA C 91 -7.21 31.35 22.64
N VAL C 92 -8.08 30.55 22.03
CA VAL C 92 -9.12 29.84 22.77
C VAL C 92 -8.58 28.43 23.05
N TYR C 93 -8.46 28.09 24.33
CA TYR C 93 -7.79 26.85 24.73
C TYR C 93 -8.82 25.74 24.93
N LEU C 94 -8.51 24.57 24.38
CA LEU C 94 -9.45 23.45 24.31
C LEU C 94 -8.90 22.25 25.06
N CYS C 95 -9.73 21.68 25.91
CA CYS C 95 -9.38 20.49 26.68
C CYS C 95 -9.83 19.26 25.89
N HIS C 96 -8.90 18.34 25.65
CA HIS C 96 -9.15 17.12 24.91
C HIS C 96 -8.65 15.93 25.71
N VAL C 97 -9.36 14.81 25.56
CA VAL C 97 -9.08 13.60 26.33
C VAL C 97 -9.20 12.39 25.42
N SER C 98 -8.33 11.39 25.64
CA SER C 98 -8.37 10.13 24.90
C SER C 98 -8.24 9.01 25.91
N LEU C 99 -9.34 8.27 26.13
CA LEU C 99 -9.36 7.27 27.19
C LEU C 99 -8.35 6.15 26.93
N TYR C 100 -8.24 5.71 25.69
CA TYR C 100 -7.42 4.54 25.38
C TYR C 100 -6.36 4.86 24.35
N ARG C 101 -5.32 4.00 24.34
CA ARG C 101 -4.29 4.03 23.31
C ARG C 101 -4.73 3.08 22.19
N ASP C 102 -5.16 3.66 21.07
CA ASP C 102 -5.69 2.89 19.94
C ASP C 102 -5.09 3.43 18.65
N PRO C 103 -3.87 3.01 18.31
CA PRO C 103 -3.24 3.57 17.09
C PRO C 103 -3.92 3.13 15.80
N LEU C 104 -4.41 1.90 15.73
CA LEU C 104 -4.96 1.33 14.50
C LEU C 104 -6.47 1.52 14.36
N GLY C 105 -7.08 2.37 15.18
CA GLY C 105 -8.53 2.49 15.16
C GLY C 105 -9.26 1.20 15.46
N VAL C 106 -8.65 0.33 16.27
CA VAL C 106 -9.22 -0.99 16.56
C VAL C 106 -10.57 -0.85 17.24
N ALA C 107 -10.70 0.07 18.19
CA ALA C 107 -11.93 0.31 18.91
C ALA C 107 -12.78 1.42 18.31
N GLY C 108 -12.50 1.82 17.07
CA GLY C 108 -13.29 2.85 16.43
C GLY C 108 -13.13 4.24 17.00
N GLY C 109 -12.04 4.50 17.72
CA GLY C 109 -11.83 5.83 18.27
C GLY C 109 -12.83 6.23 19.33
N MET C 110 -13.32 5.27 20.10
CA MET C 110 -14.22 5.60 21.20
C MET C 110 -13.42 6.11 22.40
N GLY C 111 -14.06 6.95 23.20
CA GLY C 111 -13.43 7.52 24.36
C GLY C 111 -12.69 8.82 24.12
N VAL C 112 -13.01 9.54 23.05
CA VAL C 112 -12.44 10.84 22.76
C VAL C 112 -13.50 11.89 22.98
N TYR C 113 -13.16 12.95 23.71
CA TYR C 113 -14.10 14.01 24.04
C TYR C 113 -13.42 15.36 23.97
N TRP C 114 -14.21 16.40 23.73
CA TRP C 114 -13.71 17.76 23.62
C TRP C 114 -14.41 18.66 24.63
N GLY C 115 -13.65 19.59 25.21
CA GLY C 115 -14.20 20.58 26.10
C GLY C 115 -14.90 21.68 25.35
N LYS C 116 -15.45 22.62 26.12
CA LYS C 116 -16.16 23.76 25.54
C LYS C 116 -15.23 24.88 25.13
N GLY C 117 -14.12 25.05 25.82
CA GLY C 117 -13.15 26.06 25.47
C GLY C 117 -13.08 27.17 26.51
N ALA C 118 -11.93 27.83 26.57
CA ALA C 118 -11.71 28.95 27.47
C ALA C 118 -10.76 29.94 26.80
N LEU C 119 -11.17 31.20 26.75
CA LEU C 119 -10.44 32.24 26.04
C LEU C 119 -9.37 32.88 26.93
N VAL C 120 -8.14 32.91 26.44
CA VAL C 120 -7.02 33.57 27.10
C VAL C 120 -6.52 34.67 26.18
N THR C 121 -6.44 35.89 26.70
CA THR C 121 -6.05 37.07 25.92
C THR C 121 -4.88 37.76 26.62
N VAL C 122 -3.77 37.88 25.90
CA VAL C 122 -2.59 38.58 26.40
C VAL C 122 -2.50 39.90 25.64
N SER C 123 -2.65 41.02 26.36
CA SER C 123 -2.67 42.33 25.73
C SER C 123 -1.97 43.35 26.62
N SER C 124 -1.57 44.46 25.99
CA SER C 124 -0.89 45.57 26.65
C SER C 124 0.40 45.14 27.35
#